data_1LW7
#
_entry.id   1LW7
#
_cell.length_a   106.871
_cell.length_b   106.871
_cell.length_c   174.945
_cell.angle_alpha   90.00
_cell.angle_beta   90.00
_cell.angle_gamma   120.00
#
_symmetry.space_group_name_H-M   'P 64 2 2'
#
loop_
_entity.id
_entity.type
_entity.pdbx_description
1 polymer 'TRANSCRIPTIONAL REGULATOR NADR'
2 non-polymer 'SULFATE ION'
3 non-polymer NICOTINAMIDE-ADENINE-DINUCLEOTIDE
#
_entity_poly.entity_id   1
_entity_poly.type   'polypeptide(L)'
_entity_poly.pdbx_seq_one_letter_code
;EKKVGVIFGKFYPVHTGHIN(MSE)IYEAFSKVDELHVIVCSDTVRDLKLFYDSK(MSE)KR(MSE)PTVQDRLRW
(MSE)QQIFKYQKNQIFIHHLVEDGIPSYPNGWQSWSEAVKTLFHEKHFEPSIVFSSEPQDKAPYEKYLGLEVSLVDPDR
TFFNVSATKIRTTPFQYWKFIPKEARPFFAKTVAILGGESSGKSVLVNKLAAVFNTTSAWEYGREFVFEKLGGDEQAMQY
SDYPQ(MSE)ALGHQRYIDYAVRHSHKIAFIDTDFITTQAFCIQYEGKAHPFLDS(MSE)IKEYPFDVTILLKNNTEWVD
DGLRSLGSQKQRQQFQQLLKKLLDKYKVPYIEIESPSYLDRYNQVKAVIEKVLNEEEISELQNTTFPIKGTSQ
;
_entity_poly.pdbx_strand_id   A
#
loop_
_chem_comp.id
_chem_comp.type
_chem_comp.name
_chem_comp.formula
NAD non-polymer NICOTINAMIDE-ADENINE-DINUCLEOTIDE 'C21 H27 N7 O14 P2'
SO4 non-polymer 'SULFATE ION' 'O4 S -2'
#
# COMPACT_ATOMS: atom_id res chain seq x y z
N GLU A 1 -26.21 29.21 17.13
CA GLU A 1 -26.37 28.69 15.73
C GLU A 1 -25.63 27.37 15.57
N LYS A 2 -24.39 27.45 15.08
CA LYS A 2 -23.51 26.29 14.86
C LYS A 2 -23.65 25.66 13.47
N LYS A 3 -22.96 26.25 12.50
CA LYS A 3 -22.97 25.78 11.11
C LYS A 3 -22.48 24.34 11.04
N VAL A 4 -23.01 23.56 10.09
CA VAL A 4 -22.61 22.15 9.96
C VAL A 4 -22.66 21.63 8.50
N GLY A 5 -21.54 21.11 7.99
CA GLY A 5 -21.51 20.62 6.62
C GLY A 5 -21.18 19.14 6.39
N VAL A 6 -21.55 18.64 5.20
CA VAL A 6 -21.32 17.23 4.80
C VAL A 6 -20.45 17.19 3.57
N ILE A 7 -19.99 15.99 3.26
CA ILE A 7 -19.21 15.73 2.07
C ILE A 7 -19.37 14.27 1.73
N PHE A 8 -19.49 14.00 0.43
CA PHE A 8 -19.63 12.63 -0.01
C PHE A 8 -18.49 12.28 -0.96
N GLY A 9 -18.09 11.03 -0.90
CA GLY A 9 -17.00 10.55 -1.72
C GLY A 9 -16.91 9.03 -1.69
N LYS A 10 -16.06 8.52 -2.57
CA LYS A 10 -15.83 7.10 -2.67
C LYS A 10 -14.44 6.92 -2.09
N PHE A 11 -13.63 7.96 -2.29
CA PHE A 11 -12.25 8.00 -1.85
C PHE A 11 -11.61 6.67 -2.16
N TYR A 12 -11.45 6.40 -3.45
CA TYR A 12 -10.87 5.15 -3.92
C TYR A 12 -9.79 5.50 -4.93
N PRO A 13 -8.64 5.99 -4.46
CA PRO A 13 -8.30 6.22 -3.06
C PRO A 13 -8.53 7.67 -2.68
N VAL A 14 -7.80 8.13 -1.68
CA VAL A 14 -7.90 9.49 -1.20
C VAL A 14 -6.70 10.26 -1.71
N HIS A 15 -6.92 11.38 -2.40
CA HIS A 15 -5.77 12.13 -2.86
C HIS A 15 -5.69 13.49 -2.18
N THR A 16 -4.54 14.14 -2.32
CA THR A 16 -4.32 15.43 -1.72
C THR A 16 -5.32 16.40 -2.26
N GLY A 17 -6.02 15.98 -3.31
CA GLY A 17 -7.05 16.80 -3.95
C GLY A 17 -8.28 16.85 -3.05
N HIS A 18 -8.75 15.67 -2.62
CA HIS A 18 -9.88 15.54 -1.70
C HIS A 18 -9.47 16.26 -0.44
N ILE A 19 -8.33 15.82 0.09
CA ILE A 19 -7.79 16.35 1.32
C ILE A 19 -7.90 17.84 1.34
N ASN A 20 -7.22 18.50 0.42
CA ASN A 20 -7.29 19.93 0.43
C ASN A 20 -8.73 20.42 0.56
N MSE A 21 -9.60 19.92 -0.32
CA MSE A 21 -11.00 20.32 -0.32
C MSE A 21 -11.63 20.25 1.03
O MSE A 21 -12.23 21.23 1.50
CB MSE A 21 -11.82 19.44 -1.25
CG MSE A 21 -13.25 19.94 -1.37
SE MSE A 21 -14.47 18.73 -2.23
CE MSE A 21 -15.55 18.20 -0.71
N ILE A 22 -11.50 19.09 1.67
CA ILE A 22 -12.08 18.84 2.98
C ILE A 22 -11.65 19.86 4.03
N TYR A 23 -10.40 20.30 3.97
CA TYR A 23 -9.95 21.28 4.94
C TYR A 23 -10.65 22.61 4.64
N GLU A 24 -10.72 22.93 3.36
CA GLU A 24 -11.35 24.15 2.86
C GLU A 24 -12.75 24.29 3.46
N ALA A 25 -13.56 23.26 3.21
CA ALA A 25 -14.93 23.18 3.72
C ALA A 25 -14.90 23.29 5.24
N PHE A 26 -13.90 22.65 5.85
CA PHE A 26 -13.77 22.70 7.28
C PHE A 26 -13.55 24.09 7.85
N SER A 27 -12.95 25.00 7.09
CA SER A 27 -12.68 26.34 7.61
C SER A 27 -13.92 27.21 7.51
N LYS A 28 -14.94 26.65 6.89
CA LYS A 28 -16.19 27.34 6.70
C LYS A 28 -17.24 26.83 7.65
N VAL A 29 -16.87 25.90 8.52
CA VAL A 29 -17.83 25.32 9.45
C VAL A 29 -17.28 25.04 10.85
N ASP A 30 -18.16 24.79 11.82
CA ASP A 30 -17.70 24.52 13.17
C ASP A 30 -17.61 23.02 13.32
N GLU A 31 -18.34 22.32 12.46
CA GLU A 31 -18.39 20.86 12.51
C GLU A 31 -18.66 20.30 11.12
N LEU A 32 -17.76 19.45 10.61
CA LEU A 32 -17.90 18.85 9.27
C LEU A 32 -18.02 17.32 9.32
N HIS A 33 -18.98 16.78 8.59
CA HIS A 33 -19.23 15.33 8.55
C HIS A 33 -18.87 14.79 7.18
N VAL A 34 -17.86 13.92 7.15
CA VAL A 34 -17.32 13.32 5.93
C VAL A 34 -17.74 11.85 5.72
N ILE A 35 -18.54 11.64 4.67
CA ILE A 35 -19.09 10.35 4.34
C ILE A 35 -18.31 9.56 3.30
N VAL A 36 -17.94 8.33 3.68
CA VAL A 36 -17.22 7.46 2.76
C VAL A 36 -18.31 6.56 2.26
N CYS A 37 -18.61 6.63 0.96
CA CYS A 37 -19.68 5.82 0.40
C CYS A 37 -19.16 4.66 -0.38
N SER A 38 -19.65 3.47 -0.05
CA SER A 38 -19.20 2.26 -0.72
C SER A 38 -20.32 1.53 -1.48
N ASP A 39 -19.92 0.74 -2.46
CA ASP A 39 -20.85 -0.07 -3.23
C ASP A 39 -20.09 -1.35 -3.57
N THR A 40 -20.41 -2.37 -2.79
CA THR A 40 -19.82 -3.69 -2.93
C THR A 40 -19.36 -4.05 -4.32
N VAL A 41 -20.30 -3.97 -5.27
CA VAL A 41 -20.07 -4.36 -6.66
C VAL A 41 -19.34 -3.28 -7.46
N ARG A 42 -19.72 -2.03 -7.23
CA ARG A 42 -19.04 -0.96 -7.93
C ARG A 42 -17.58 -0.97 -7.53
N ASP A 43 -17.32 -0.83 -6.23
CA ASP A 43 -15.95 -0.79 -5.70
C ASP A 43 -15.17 -1.96 -6.26
N LEU A 44 -15.76 -3.13 -6.15
CA LEU A 44 -15.16 -4.37 -6.62
C LEU A 44 -14.72 -4.32 -8.09
N LYS A 45 -15.51 -3.65 -8.94
CA LYS A 45 -15.19 -3.56 -10.36
C LYS A 45 -14.00 -2.61 -10.55
N LEU A 46 -14.01 -1.51 -9.82
CA LEU A 46 -12.92 -0.55 -9.89
C LEU A 46 -11.60 -1.18 -9.48
N PHE A 47 -11.62 -1.99 -8.42
CA PHE A 47 -10.40 -2.64 -7.98
C PHE A 47 -9.81 -3.56 -9.07
N TYR A 48 -10.60 -4.54 -9.50
CA TYR A 48 -10.19 -5.51 -10.49
C TYR A 48 -9.84 -4.85 -11.81
N ASP A 49 -10.55 -3.78 -12.11
CA ASP A 49 -10.30 -3.07 -13.34
C ASP A 49 -8.92 -2.44 -13.32
N SER A 50 -8.47 -2.07 -12.12
CA SER A 50 -7.16 -1.46 -11.97
C SER A 50 -6.12 -2.57 -11.91
N LYS A 51 -4.90 -2.21 -11.52
CA LYS A 51 -3.83 -3.20 -11.41
C LYS A 51 -3.25 -3.19 -10.00
N MSE A 52 -4.09 -2.78 -9.06
CA MSE A 52 -3.72 -2.73 -7.65
C MSE A 52 -3.62 -4.19 -7.15
O MSE A 52 -4.48 -5.01 -7.42
CB MSE A 52 -4.81 -2.02 -6.83
CG MSE A 52 -5.21 -0.60 -7.28
SE MSE A 52 -6.39 0.22 -5.97
CE MSE A 52 -8.07 -0.44 -6.62
N LYS A 53 -2.54 -4.48 -6.42
CA LYS A 53 -2.29 -5.81 -5.86
C LYS A 53 -3.40 -6.24 -4.89
N ARG A 54 -3.49 -5.55 -3.75
CA ARG A 54 -4.51 -5.86 -2.76
C ARG A 54 -5.64 -4.84 -2.85
N MSE A 55 -6.84 -5.22 -2.44
CA MSE A 55 -7.94 -4.26 -2.51
C MSE A 55 -8.20 -3.61 -1.16
O MSE A 55 -8.26 -4.28 -0.14
CB MSE A 55 -9.19 -4.97 -2.99
CG MSE A 55 -10.34 -4.01 -3.19
SE MSE A 55 -12.04 -4.86 -3.41
CE MSE A 55 -11.46 -6.71 -3.73
N PRO A 56 -8.35 -2.28 -1.15
CA PRO A 56 -8.62 -1.51 0.07
C PRO A 56 -10.03 -1.81 0.57
N THR A 57 -10.14 -2.27 1.80
CA THR A 57 -11.46 -2.58 2.36
C THR A 57 -12.20 -1.29 2.70
N VAL A 58 -13.44 -1.43 3.17
CA VAL A 58 -14.22 -0.27 3.60
C VAL A 58 -13.46 0.22 4.84
N GLN A 59 -13.03 -0.73 5.67
CA GLN A 59 -12.29 -0.39 6.89
C GLN A 59 -11.00 0.34 6.53
N ASP A 60 -10.26 -0.21 5.56
CA ASP A 60 -9.00 0.39 5.13
C ASP A 60 -9.23 1.85 4.77
N ARG A 61 -10.33 2.07 4.06
CA ARG A 61 -10.70 3.40 3.62
C ARG A 61 -11.15 4.30 4.76
N LEU A 62 -12.10 3.85 5.55
CA LEU A 62 -12.53 4.68 6.65
C LEU A 62 -11.30 5.08 7.49
N ARG A 63 -10.42 4.11 7.73
CA ARG A 63 -9.22 4.35 8.52
C ARG A 63 -8.32 5.44 7.93
N TRP A 64 -8.24 5.52 6.60
CA TRP A 64 -7.43 6.54 5.93
C TRP A 64 -7.92 7.88 6.36
N MSE A 65 -9.22 8.06 6.29
CA MSE A 65 -9.81 9.33 6.64
C MSE A 65 -9.68 9.54 8.12
O MSE A 65 -9.26 10.61 8.57
CB MSE A 65 -11.30 9.35 6.23
CG MSE A 65 -11.57 8.91 4.79
SE MSE A 65 -10.45 9.84 3.51
CE MSE A 65 -11.43 11.50 3.42
N GLN A 66 -10.03 8.50 8.85
CA GLN A 66 -10.00 8.49 10.31
C GLN A 66 -8.65 9.02 10.77
N GLN A 67 -7.60 8.59 10.08
CA GLN A 67 -6.24 9.00 10.38
C GLN A 67 -5.86 10.39 9.86
N ILE A 68 -6.08 10.63 8.58
CA ILE A 68 -5.74 11.94 7.97
C ILE A 68 -6.30 13.08 8.78
N PHE A 69 -7.51 12.91 9.32
CA PHE A 69 -8.13 13.97 10.10
C PHE A 69 -8.23 13.66 11.60
N LYS A 70 -7.18 13.03 12.12
CA LYS A 70 -7.09 12.67 13.52
C LYS A 70 -7.00 13.91 14.40
N TYR A 71 -6.02 14.75 14.17
CA TYR A 71 -5.92 15.94 14.99
C TYR A 71 -7.24 16.70 15.07
N GLN A 72 -8.09 16.57 14.05
CA GLN A 72 -9.35 17.32 14.07
C GLN A 72 -10.53 16.43 14.35
N LYS A 73 -10.29 15.20 14.77
CA LYS A 73 -11.36 14.24 15.02
C LYS A 73 -12.51 14.73 15.91
N ASN A 74 -12.30 15.85 16.59
CA ASN A 74 -13.28 16.41 17.49
C ASN A 74 -14.25 17.34 16.79
N GLN A 75 -14.11 17.50 15.49
CA GLN A 75 -15.01 18.38 14.73
C GLN A 75 -15.35 17.77 13.39
N ILE A 76 -14.35 17.11 12.80
CA ILE A 76 -14.52 16.44 11.53
C ILE A 76 -14.83 15.00 11.86
N PHE A 77 -15.97 14.53 11.37
CA PHE A 77 -16.36 13.17 11.62
C PHE A 77 -16.37 12.37 10.32
N ILE A 78 -16.37 11.06 10.45
CA ILE A 78 -16.30 10.19 9.30
C ILE A 78 -17.30 9.07 9.42
N HIS A 79 -18.12 8.92 8.39
CA HIS A 79 -19.15 7.88 8.39
C HIS A 79 -19.13 7.10 7.10
N HIS A 80 -19.71 5.91 7.18
CA HIS A 80 -19.80 5.00 6.07
C HIS A 80 -21.23 4.94 5.55
N LEU A 81 -21.40 5.17 4.24
CA LEU A 81 -22.71 5.08 3.61
C LEU A 81 -22.71 3.92 2.61
N VAL A 82 -23.65 3.00 2.77
CA VAL A 82 -23.79 1.82 1.91
C VAL A 82 -24.81 2.03 0.78
N GLU A 83 -24.33 2.16 -0.46
CA GLU A 83 -25.25 2.37 -1.57
C GLU A 83 -25.38 1.17 -2.51
N ASP A 84 -25.81 0.06 -1.94
CA ASP A 84 -26.01 -1.18 -2.67
C ASP A 84 -27.51 -1.35 -2.99
N GLY A 85 -27.84 -1.55 -4.26
CA GLY A 85 -29.23 -1.68 -4.66
C GLY A 85 -29.67 -0.36 -5.25
N ILE A 86 -29.08 0.72 -4.73
CA ILE A 86 -29.35 2.07 -5.18
C ILE A 86 -28.81 2.26 -6.59
N PRO A 87 -29.67 2.55 -7.57
CA PRO A 87 -29.32 2.76 -8.98
C PRO A 87 -28.11 3.67 -9.26
N SER A 88 -27.36 3.34 -10.29
CA SER A 88 -26.15 4.06 -10.70
C SER A 88 -26.19 5.60 -10.70
N TYR A 89 -25.15 6.17 -10.12
CA TYR A 89 -24.97 7.62 -9.96
C TYR A 89 -25.90 8.61 -10.66
N PRO A 90 -25.71 8.81 -11.98
CA PRO A 90 -26.59 9.77 -12.67
C PRO A 90 -27.99 9.91 -12.08
N ASN A 91 -28.69 8.80 -11.89
CA ASN A 91 -30.04 8.87 -11.32
C ASN A 91 -30.28 7.78 -10.27
N GLY A 92 -30.73 8.22 -9.10
CA GLY A 92 -31.02 7.32 -8.00
C GLY A 92 -31.16 8.15 -6.75
N TRP A 93 -30.83 9.43 -6.87
CA TRP A 93 -30.90 10.37 -5.75
C TRP A 93 -32.08 10.19 -4.81
N GLN A 94 -33.23 9.81 -5.35
CA GLN A 94 -34.40 9.62 -4.51
C GLN A 94 -34.06 8.48 -3.57
N SER A 95 -33.57 7.42 -4.19
CA SER A 95 -33.19 6.21 -3.50
C SER A 95 -31.93 6.41 -2.66
N TRP A 96 -31.05 7.28 -3.14
CA TRP A 96 -29.82 7.57 -2.43
C TRP A 96 -30.10 8.46 -1.23
N SER A 97 -30.65 9.64 -1.48
CA SER A 97 -30.95 10.57 -0.40
C SER A 97 -31.74 9.91 0.73
N GLU A 98 -32.34 8.76 0.45
CA GLU A 98 -33.08 8.03 1.46
C GLU A 98 -32.10 7.64 2.54
N ALA A 99 -31.12 6.82 2.15
CA ALA A 99 -30.09 6.34 3.06
C ALA A 99 -29.36 7.50 3.71
N VAL A 100 -29.00 8.49 2.91
CA VAL A 100 -28.33 9.63 3.48
C VAL A 100 -29.15 10.09 4.67
N LYS A 101 -30.44 10.31 4.45
CA LYS A 101 -31.33 10.76 5.51
C LYS A 101 -31.26 9.80 6.67
N THR A 102 -31.35 8.51 6.36
CA THR A 102 -31.31 7.49 7.39
C THR A 102 -30.05 7.66 8.26
N LEU A 103 -28.89 7.81 7.60
CA LEU A 103 -27.61 8.01 8.30
C LEU A 103 -27.73 9.22 9.26
N PHE A 104 -28.14 10.37 8.70
CA PHE A 104 -28.32 11.58 9.48
C PHE A 104 -29.15 11.41 10.76
N HIS A 105 -29.95 10.36 10.82
CA HIS A 105 -30.76 10.12 11.99
C HIS A 105 -30.05 9.19 12.94
N GLU A 106 -29.78 7.98 12.48
CA GLU A 106 -29.10 7.01 13.31
C GLU A 106 -27.70 7.46 13.69
N LYS A 107 -27.26 8.60 13.15
CA LYS A 107 -25.93 9.14 13.45
C LYS A 107 -26.10 10.53 14.09
N HIS A 108 -27.34 10.85 14.36
CA HIS A 108 -27.69 12.10 15.00
C HIS A 108 -27.03 13.40 14.55
N PHE A 109 -26.98 13.69 13.26
CA PHE A 109 -26.48 15.02 12.82
C PHE A 109 -27.29 15.54 11.64
N GLU A 110 -27.52 16.85 11.61
CA GLU A 110 -28.30 17.44 10.53
C GLU A 110 -27.49 18.53 9.88
N PRO A 111 -26.85 18.20 8.76
CA PRO A 111 -26.04 19.18 8.05
C PRO A 111 -26.96 20.15 7.34
N SER A 112 -26.49 21.36 7.09
CA SER A 112 -27.31 22.36 6.41
C SER A 112 -26.61 22.92 5.17
N ILE A 113 -25.49 22.31 4.81
CA ILE A 113 -24.71 22.73 3.66
C ILE A 113 -23.85 21.57 3.21
N VAL A 114 -23.63 21.47 1.90
CA VAL A 114 -22.82 20.40 1.35
C VAL A 114 -21.72 20.98 0.47
N PHE A 115 -20.56 20.36 0.51
CA PHE A 115 -19.44 20.83 -0.30
C PHE A 115 -19.10 19.79 -1.34
N SER A 116 -18.54 20.25 -2.45
CA SER A 116 -18.19 19.35 -3.52
C SER A 116 -17.69 20.13 -4.72
N SER A 117 -17.57 19.40 -5.82
CA SER A 117 -17.19 19.94 -7.11
C SER A 117 -18.25 19.16 -7.90
N GLU A 118 -18.14 19.00 -9.20
CA GLU A 118 -19.22 18.29 -9.89
C GLU A 118 -20.45 19.18 -9.62
N PRO A 119 -20.57 20.31 -10.35
CA PRO A 119 -21.69 21.25 -10.18
C PRO A 119 -23.01 20.51 -10.31
N GLN A 120 -23.04 19.65 -11.31
CA GLN A 120 -24.17 18.80 -11.64
C GLN A 120 -24.88 18.22 -10.41
N ASP A 121 -24.35 18.46 -9.21
CA ASP A 121 -24.97 17.93 -8.00
C ASP A 121 -25.73 18.96 -7.18
N LYS A 122 -25.41 20.23 -7.39
CA LYS A 122 -26.04 21.33 -6.66
C LYS A 122 -27.55 21.19 -6.57
N ALA A 123 -28.19 21.36 -7.72
CA ALA A 123 -29.63 21.26 -7.81
C ALA A 123 -30.13 19.99 -7.12
N PRO A 124 -29.63 18.80 -7.53
CA PRO A 124 -30.05 17.52 -6.92
C PRO A 124 -29.92 17.53 -5.41
N TYR A 125 -28.81 18.08 -4.91
CA TYR A 125 -28.57 18.17 -3.47
C TYR A 125 -29.65 19.09 -2.94
N GLU A 126 -29.85 20.18 -3.66
CA GLU A 126 -30.86 21.18 -3.33
C GLU A 126 -32.22 20.52 -3.43
N LYS A 127 -32.40 19.70 -4.44
CA LYS A 127 -33.65 19.02 -4.68
C LYS A 127 -33.98 17.98 -3.60
N TYR A 128 -33.35 16.80 -3.71
CA TYR A 128 -33.59 15.67 -2.81
C TYR A 128 -33.09 15.77 -1.37
N LEU A 129 -32.05 16.56 -1.14
CA LEU A 129 -31.54 16.69 0.21
C LEU A 129 -31.82 18.10 0.72
N GLY A 130 -32.06 19.01 -0.20
CA GLY A 130 -32.36 20.37 0.18
C GLY A 130 -31.31 20.97 1.08
N LEU A 131 -30.17 21.28 0.50
CA LEU A 131 -29.08 21.88 1.24
C LEU A 131 -28.47 22.99 0.45
N GLU A 132 -27.78 23.87 1.12
CA GLU A 132 -27.09 24.91 0.42
C GLU A 132 -25.85 24.18 -0.08
N VAL A 133 -25.42 24.44 -1.30
CA VAL A 133 -24.25 23.76 -1.83
C VAL A 133 -23.17 24.79 -2.11
N SER A 134 -21.94 24.33 -2.28
CA SER A 134 -20.86 25.27 -2.57
C SER A 134 -19.78 24.61 -3.40
N LEU A 135 -19.66 25.07 -4.64
CA LEU A 135 -18.64 24.57 -5.53
C LEU A 135 -17.33 24.94 -4.86
N VAL A 136 -16.27 24.24 -5.21
CA VAL A 136 -14.91 24.48 -4.68
C VAL A 136 -14.02 23.93 -5.76
N ASP A 137 -13.12 24.74 -6.29
CA ASP A 137 -12.21 24.27 -7.34
C ASP A 137 -12.66 23.08 -8.23
N PRO A 138 -13.64 23.31 -9.13
CA PRO A 138 -14.09 22.22 -9.99
C PRO A 138 -13.14 22.12 -11.19
N ASP A 139 -12.55 23.25 -11.55
CA ASP A 139 -11.62 23.29 -12.67
C ASP A 139 -10.33 22.56 -12.31
N ARG A 140 -10.24 22.06 -11.08
CA ARG A 140 -9.05 21.36 -10.61
C ARG A 140 -7.84 22.25 -10.78
N THR A 141 -8.01 23.52 -10.45
CA THR A 141 -6.90 24.47 -10.58
C THR A 141 -5.77 24.00 -9.70
N PHE A 142 -6.10 23.72 -8.43
CA PHE A 142 -5.13 23.22 -7.47
C PHE A 142 -5.36 21.72 -7.35
N PHE A 143 -4.29 20.94 -7.43
CA PHE A 143 -4.49 19.49 -7.33
C PHE A 143 -5.21 18.93 -8.57
N ASN A 144 -4.44 18.93 -9.64
CA ASN A 144 -4.87 18.46 -10.93
C ASN A 144 -4.88 16.94 -10.84
N VAL A 145 -5.78 16.36 -10.06
CA VAL A 145 -5.75 14.90 -9.98
C VAL A 145 -7.09 14.21 -9.75
N SER A 146 -7.08 12.90 -10.01
CA SER A 146 -8.27 12.08 -9.85
C SER A 146 -8.04 10.67 -9.31
N ALA A 147 -9.07 10.16 -8.64
CA ALA A 147 -9.04 8.83 -8.09
C ALA A 147 -8.78 7.82 -9.20
N THR A 148 -9.23 8.14 -10.40
CA THR A 148 -9.05 7.21 -11.52
C THR A 148 -7.62 7.30 -12.05
N LYS A 149 -7.11 8.51 -12.20
CA LYS A 149 -5.74 8.63 -12.68
C LYS A 149 -4.82 7.85 -11.75
N ILE A 150 -4.89 8.11 -10.45
CA ILE A 150 -4.03 7.41 -9.49
C ILE A 150 -4.26 5.90 -9.51
N ARG A 151 -5.53 5.52 -9.60
CA ARG A 151 -5.91 4.12 -9.60
C ARG A 151 -5.38 3.42 -10.84
N THR A 152 -5.18 4.17 -11.92
CA THR A 152 -4.67 3.61 -13.17
C THR A 152 -3.14 3.60 -13.19
N THR A 153 -2.53 4.76 -12.96
CA THR A 153 -1.08 4.86 -12.96
C THR A 153 -0.59 5.60 -11.72
N PRO A 154 -0.44 4.88 -10.61
CA PRO A 154 0.01 5.41 -9.33
C PRO A 154 1.27 6.28 -9.40
N PHE A 155 2.32 5.74 -10.00
CA PHE A 155 3.59 6.47 -10.07
C PHE A 155 3.56 7.83 -10.73
N GLN A 156 2.76 8.00 -11.78
CA GLN A 156 2.68 9.27 -12.48
C GLN A 156 1.98 10.32 -11.63
N TYR A 157 1.28 9.86 -10.62
CA TYR A 157 0.55 10.77 -9.76
C TYR A 157 0.90 10.60 -8.30
N TRP A 158 2.11 10.10 -8.04
CA TRP A 158 2.57 9.85 -6.68
C TRP A 158 2.44 11.04 -5.71
N LYS A 159 2.88 12.22 -6.11
CA LYS A 159 2.80 13.41 -5.26
C LYS A 159 1.38 13.71 -4.78
N PHE A 160 0.40 12.98 -5.29
CA PHE A 160 -0.99 13.23 -4.94
C PHE A 160 -1.57 12.20 -4.01
N ILE A 161 -0.78 11.16 -3.75
CA ILE A 161 -1.24 10.09 -2.88
C ILE A 161 -0.68 10.29 -1.48
N PRO A 162 -1.57 10.46 -0.47
CA PRO A 162 -1.25 10.66 0.95
C PRO A 162 -0.50 9.44 1.42
N LYS A 163 0.34 9.58 2.43
CA LYS A 163 1.11 8.43 2.91
C LYS A 163 0.25 7.31 3.55
N GLU A 164 -0.98 7.62 3.96
CA GLU A 164 -1.88 6.62 4.54
C GLU A 164 -2.25 5.54 3.52
N ALA A 165 -2.32 5.93 2.25
CA ALA A 165 -2.71 4.98 1.22
C ALA A 165 -1.54 4.30 0.55
N ARG A 166 -0.42 5.00 0.44
CA ARG A 166 0.77 4.47 -0.20
C ARG A 166 0.85 2.95 -0.20
N PRO A 167 0.56 2.29 0.92
CA PRO A 167 0.62 0.84 0.93
C PRO A 167 -0.16 0.14 -0.19
N PHE A 168 -1.22 0.78 -0.69
CA PHE A 168 -2.03 0.16 -1.75
C PHE A 168 -1.59 0.53 -3.12
N PHE A 169 -0.53 1.33 -3.22
CA PHE A 169 -0.05 1.77 -4.51
C PHE A 169 1.46 1.72 -4.63
N ALA A 170 2.16 1.41 -3.54
CA ALA A 170 3.60 1.35 -3.62
C ALA A 170 4.00 -0.07 -4.05
N LYS A 171 5.24 -0.21 -4.49
CA LYS A 171 5.69 -1.53 -4.87
C LYS A 171 6.88 -1.93 -4.05
N THR A 172 6.85 -3.16 -3.60
CA THR A 172 7.94 -3.68 -2.83
C THR A 172 8.79 -4.61 -3.68
N VAL A 173 10.10 -4.43 -3.57
CA VAL A 173 11.05 -5.26 -4.29
C VAL A 173 11.93 -5.96 -3.26
N ALA A 174 11.75 -7.27 -3.09
CA ALA A 174 12.53 -8.04 -2.14
C ALA A 174 13.74 -8.68 -2.81
N ILE A 175 14.88 -8.65 -2.15
CA ILE A 175 16.09 -9.21 -2.74
C ILE A 175 16.68 -10.40 -1.99
N LEU A 176 16.52 -11.59 -2.54
CA LEU A 176 17.06 -12.74 -1.86
C LEU A 176 18.45 -13.07 -2.41
N GLY A 177 19.29 -13.60 -1.53
CA GLY A 177 20.64 -13.95 -1.91
C GLY A 177 21.40 -14.46 -0.70
N GLY A 178 22.63 -14.89 -0.91
CA GLY A 178 23.43 -15.41 0.17
C GLY A 178 23.95 -14.32 1.09
N GLU A 179 24.55 -14.75 2.19
CA GLU A 179 25.12 -13.86 3.21
C GLU A 179 26.07 -12.84 2.61
N SER A 180 26.30 -12.99 1.29
CA SER A 180 27.17 -12.11 0.53
C SER A 180 27.26 -10.70 1.09
N SER A 181 26.20 -10.27 1.78
CA SER A 181 26.11 -8.93 2.38
C SER A 181 26.09 -7.90 1.27
N GLY A 182 26.53 -8.33 0.08
CA GLY A 182 26.52 -7.44 -1.04
C GLY A 182 25.07 -7.06 -1.17
N LYS A 183 24.21 -8.00 -0.81
CA LYS A 183 22.77 -7.77 -0.86
C LYS A 183 22.46 -6.47 -0.15
N SER A 184 22.54 -6.51 1.18
CA SER A 184 22.27 -5.35 2.02
C SER A 184 22.77 -4.00 1.48
N VAL A 185 24.05 -3.94 1.09
CA VAL A 185 24.64 -2.70 0.58
C VAL A 185 23.96 -2.31 -0.70
N LEU A 186 23.72 -3.31 -1.53
CA LEU A 186 23.06 -3.10 -2.79
C LEU A 186 21.63 -2.62 -2.52
N VAL A 187 20.99 -3.25 -1.55
CA VAL A 187 19.62 -2.91 -1.20
C VAL A 187 19.57 -1.49 -0.68
N ASN A 188 20.62 -1.05 -0.01
CA ASN A 188 20.63 0.30 0.50
C ASN A 188 21.02 1.30 -0.58
N LYS A 189 22.06 0.98 -1.34
CA LYS A 189 22.50 1.86 -2.42
C LYS A 189 21.36 2.12 -3.39
N LEU A 190 20.54 1.10 -3.66
CA LEU A 190 19.40 1.25 -4.56
C LEU A 190 18.42 2.31 -4.07
N ALA A 191 17.93 2.13 -2.84
CA ALA A 191 17.02 3.08 -2.19
C ALA A 191 17.60 4.47 -2.25
N ALA A 192 18.91 4.59 -2.01
CA ALA A 192 19.62 5.88 -2.02
C ALA A 192 19.54 6.55 -3.38
N VAL A 193 19.93 5.76 -4.40
CA VAL A 193 19.95 6.17 -5.78
C VAL A 193 18.56 6.51 -6.30
N PHE A 194 17.56 5.80 -5.82
CA PHE A 194 16.20 6.09 -6.25
C PHE A 194 15.44 7.00 -5.26
N ASN A 195 16.17 7.69 -4.39
CA ASN A 195 15.59 8.60 -3.39
C ASN A 195 14.31 8.01 -2.83
N THR A 196 14.46 6.90 -2.12
CA THR A 196 13.34 6.18 -1.54
C THR A 196 13.82 5.39 -0.31
N THR A 197 12.99 4.50 0.18
CA THR A 197 13.32 3.77 1.38
C THR A 197 13.76 2.34 1.14
N SER A 198 14.13 1.67 2.24
CA SER A 198 14.55 0.28 2.24
C SER A 198 14.24 -0.25 3.64
N ALA A 199 14.04 -1.56 3.73
CA ALA A 199 13.77 -2.18 5.02
C ALA A 199 14.74 -3.33 5.24
N TRP A 200 15.77 -3.09 6.07
CA TRP A 200 16.77 -4.09 6.40
C TRP A 200 16.24 -5.48 6.80
N GLU A 201 17.19 -6.39 6.96
CA GLU A 201 16.87 -7.74 7.36
C GLU A 201 16.93 -7.66 8.89
N TYR A 202 15.77 -7.84 9.52
CA TYR A 202 15.67 -7.74 10.98
C TYR A 202 16.43 -8.84 11.67
N GLY A 203 17.38 -8.44 12.51
CA GLY A 203 18.20 -9.39 13.22
C GLY A 203 19.43 -9.83 12.42
N ARG A 204 19.79 -9.07 11.38
CA ARG A 204 20.93 -9.43 10.54
C ARG A 204 22.14 -9.72 11.44
N GLU A 205 22.22 -8.99 12.54
CA GLU A 205 23.33 -9.18 13.49
C GLU A 205 23.48 -10.66 13.90
N PHE A 206 22.38 -11.30 14.28
CA PHE A 206 22.49 -12.69 14.70
C PHE A 206 22.63 -13.62 13.51
N VAL A 207 21.95 -13.31 12.40
CA VAL A 207 22.06 -14.17 11.22
C VAL A 207 23.52 -14.37 10.97
N PHE A 208 24.27 -13.28 10.92
CA PHE A 208 25.69 -13.36 10.67
C PHE A 208 26.41 -14.06 11.83
N GLU A 209 25.91 -13.91 13.04
CA GLU A 209 26.51 -14.59 14.20
C GLU A 209 26.35 -16.12 14.05
N LYS A 210 25.12 -16.54 13.70
CA LYS A 210 24.82 -17.94 13.42
C LYS A 210 25.47 -17.93 12.04
N LEU A 211 25.30 -18.95 11.21
CA LEU A 211 25.99 -18.92 9.90
C LEU A 211 27.48 -19.05 10.23
N GLY A 212 27.87 -18.42 11.33
CA GLY A 212 29.21 -18.51 11.86
C GLY A 212 28.92 -19.54 12.93
N GLY A 213 29.91 -19.90 13.75
CA GLY A 213 29.70 -20.90 14.78
C GLY A 213 28.35 -20.93 15.50
N ASP A 214 28.17 -20.04 16.48
CA ASP A 214 26.98 -19.89 17.32
C ASP A 214 25.71 -20.54 16.81
N GLU A 215 25.43 -21.76 17.24
CA GLU A 215 24.23 -22.46 16.80
C GLU A 215 23.01 -21.95 17.57
N GLN A 216 23.28 -21.25 18.67
CA GLN A 216 22.23 -20.75 19.53
C GLN A 216 21.93 -19.26 19.32
N ALA A 217 22.63 -18.65 18.38
CA ALA A 217 22.44 -17.24 18.09
C ALA A 217 21.04 -16.99 17.47
N MET A 218 20.51 -18.00 16.78
CA MET A 218 19.21 -17.86 16.17
C MET A 218 18.60 -19.26 16.21
N GLN A 219 17.58 -19.43 17.06
CA GLN A 219 16.90 -20.72 17.18
C GLN A 219 15.39 -20.65 16.91
N TYR A 220 14.83 -21.80 16.56
CA TYR A 220 13.41 -21.95 16.22
C TYR A 220 12.36 -20.98 16.80
N SER A 221 12.38 -20.71 18.10
CA SER A 221 11.37 -19.81 18.64
C SER A 221 11.70 -18.31 18.43
N ASP A 222 12.85 -18.03 17.82
CA ASP A 222 13.23 -16.66 17.57
C ASP A 222 12.54 -16.16 16.30
N TYR A 223 12.53 -17.03 15.29
CA TYR A 223 11.95 -16.74 13.99
C TYR A 223 10.69 -15.89 14.00
N PRO A 224 9.66 -16.31 14.74
CA PRO A 224 8.46 -15.47 14.74
C PRO A 224 8.72 -13.98 15.00
N GLN A 225 9.47 -13.67 16.05
CA GLN A 225 9.74 -12.28 16.39
C GLN A 225 10.51 -11.62 15.28
N MSE A 226 11.57 -12.30 14.84
CA MSE A 226 12.41 -11.82 13.78
C MSE A 226 11.52 -11.39 12.60
O MSE A 226 11.59 -10.26 12.12
CB MSE A 226 13.41 -12.91 13.37
CG MSE A 226 14.43 -13.26 14.48
SE MSE A 226 15.72 -14.35 13.93
CE MSE A 226 16.91 -13.24 13.60
N ALA A 227 10.66 -12.29 12.16
CA ALA A 227 9.75 -12.02 11.06
C ALA A 227 8.94 -10.76 11.36
N LEU A 228 8.27 -10.75 12.50
CA LEU A 228 7.45 -9.61 12.87
C LEU A 228 8.19 -8.28 12.90
N GLY A 229 9.48 -8.31 13.17
CA GLY A 229 10.25 -7.07 13.20
C GLY A 229 10.57 -6.66 11.79
N HIS A 230 10.89 -7.65 10.97
CA HIS A 230 11.18 -7.38 9.59
C HIS A 230 9.91 -6.72 9.01
N GLN A 231 8.73 -7.14 9.48
CA GLN A 231 7.49 -6.54 9.04
C GLN A 231 7.44 -5.05 9.48
N ARG A 232 7.74 -4.74 10.75
CA ARG A 232 7.72 -3.36 11.22
C ARG A 232 8.53 -2.50 10.26
N TYR A 233 9.66 -3.06 9.82
CA TYR A 233 10.54 -2.36 8.90
C TYR A 233 9.91 -2.09 7.57
N ILE A 234 9.41 -3.14 6.93
CA ILE A 234 8.79 -3.03 5.63
C ILE A 234 7.73 -1.97 5.64
N ASP A 235 6.86 -2.02 6.64
CA ASP A 235 5.79 -1.02 6.76
C ASP A 235 6.27 0.42 6.86
N TYR A 236 7.45 0.65 7.39
CA TYR A 236 7.92 2.02 7.49
C TYR A 236 8.39 2.44 6.12
N ALA A 237 9.03 1.47 5.47
CA ALA A 237 9.56 1.66 4.15
C ALA A 237 8.42 1.97 3.17
N VAL A 238 7.31 1.27 3.27
CA VAL A 238 6.21 1.55 2.39
C VAL A 238 5.55 2.89 2.74
N ARG A 239 5.21 3.03 4.01
CA ARG A 239 4.63 4.25 4.50
C ARG A 239 5.40 5.42 3.95
N HIS A 240 6.71 5.30 3.78
CA HIS A 240 7.54 6.41 3.32
C HIS A 240 8.15 6.25 1.94
N SER A 241 7.83 5.15 1.28
CA SER A 241 8.38 4.85 -0.05
C SER A 241 8.15 5.97 -1.03
N HIS A 242 9.03 6.10 -2.02
CA HIS A 242 8.82 7.13 -3.02
C HIS A 242 7.90 6.56 -4.10
N LYS A 243 8.11 5.31 -4.49
CA LYS A 243 7.25 4.64 -5.46
C LYS A 243 7.54 3.17 -5.19
N ILE A 244 8.79 2.88 -4.86
CA ILE A 244 9.14 1.51 -4.57
C ILE A 244 9.93 1.43 -3.27
N ALA A 245 9.86 0.28 -2.63
CA ALA A 245 10.57 0.04 -1.39
C ALA A 245 11.40 -1.24 -1.53
N PHE A 246 12.70 -1.08 -1.36
CA PHE A 246 13.62 -2.19 -1.42
C PHE A 246 13.61 -2.86 -0.07
N ILE A 247 13.40 -4.15 -0.10
CA ILE A 247 13.34 -4.96 1.09
C ILE A 247 14.51 -5.92 1.07
N ASP A 248 15.40 -5.84 2.06
CA ASP A 248 16.54 -6.73 2.08
C ASP A 248 16.11 -8.16 1.82
N THR A 249 15.67 -8.83 2.86
CA THR A 249 15.28 -10.22 2.70
C THR A 249 13.75 -10.37 2.71
N ASP A 250 13.22 -11.56 2.39
CA ASP A 250 11.75 -11.74 2.47
C ASP A 250 11.41 -12.87 3.45
N PHE A 251 10.15 -12.99 3.82
CA PHE A 251 9.72 -14.02 4.79
C PHE A 251 10.07 -15.44 4.41
N ILE A 252 10.20 -15.68 3.11
CA ILE A 252 10.57 -17.01 2.63
C ILE A 252 12.02 -17.24 3.03
N THR A 253 12.85 -16.20 2.95
CA THR A 253 14.24 -16.31 3.35
C THR A 253 14.34 -16.77 4.81
N THR A 254 13.40 -16.30 5.62
CA THR A 254 13.33 -16.62 7.02
C THR A 254 12.84 -18.02 7.24
N GLN A 255 11.83 -18.41 6.47
CA GLN A 255 11.32 -19.78 6.60
C GLN A 255 12.42 -20.71 6.06
N ALA A 256 13.16 -20.24 5.06
CA ALA A 256 14.24 -21.05 4.51
C ALA A 256 15.27 -21.24 5.61
N PHE A 257 15.73 -20.13 6.20
CA PHE A 257 16.72 -20.18 7.28
C PHE A 257 16.33 -21.19 8.35
N CYS A 258 15.10 -21.09 8.82
CA CYS A 258 14.57 -21.99 9.84
C CYS A 258 14.81 -23.43 9.39
N ILE A 259 13.99 -23.91 8.45
CA ILE A 259 14.10 -25.27 7.92
C ILE A 259 15.54 -25.79 7.89
N GLN A 260 16.42 -25.08 7.20
CA GLN A 260 17.81 -25.48 7.13
C GLN A 260 18.46 -25.77 8.49
N TYR A 261 18.04 -25.05 9.53
CA TYR A 261 18.61 -25.23 10.85
C TYR A 261 17.81 -26.02 11.88
N GLU A 262 16.61 -26.48 11.53
CA GLU A 262 15.83 -27.22 12.50
C GLU A 262 15.20 -28.40 11.80
N GLY A 263 15.18 -28.36 10.47
CA GLY A 263 14.56 -29.42 9.72
C GLY A 263 13.04 -29.22 9.66
N LYS A 264 12.52 -28.41 10.58
CA LYS A 264 11.09 -28.09 10.67
C LYS A 264 10.77 -26.83 9.86
N ALA A 265 9.50 -26.46 9.79
CA ALA A 265 9.10 -25.30 9.03
C ALA A 265 8.62 -24.09 9.82
N HIS A 266 7.67 -24.29 10.73
CA HIS A 266 7.12 -23.19 11.54
C HIS A 266 5.95 -22.48 10.88
N PRO A 267 4.73 -22.90 11.21
CA PRO A 267 3.42 -22.42 10.74
C PRO A 267 3.30 -20.91 10.70
N PHE A 268 3.97 -20.25 11.63
CA PHE A 268 3.91 -18.81 11.73
C PHE A 268 4.61 -18.18 10.55
N LEU A 269 5.83 -18.61 10.25
CA LEU A 269 6.48 -18.03 9.10
C LEU A 269 5.57 -18.31 7.91
N ASP A 270 5.05 -19.53 7.82
CA ASP A 270 4.15 -19.86 6.71
C ASP A 270 3.03 -18.83 6.55
N SER A 271 2.38 -18.51 7.66
CA SER A 271 1.30 -17.53 7.65
C SER A 271 1.74 -16.17 7.13
N MSE A 272 2.90 -15.71 7.59
CA MSE A 272 3.45 -14.43 7.19
C MSE A 272 3.64 -14.41 5.69
O MSE A 272 3.31 -13.43 5.02
CB MSE A 272 4.80 -14.15 7.86
CG MSE A 272 4.74 -13.82 9.35
SE MSE A 272 3.73 -12.23 9.81
CE MSE A 272 5.13 -10.92 9.66
N ILE A 273 4.20 -15.50 5.17
CA ILE A 273 4.46 -15.64 3.74
C ILE A 273 3.19 -15.37 2.93
N LYS A 274 2.11 -16.07 3.29
CA LYS A 274 0.83 -15.93 2.61
C LYS A 274 0.13 -14.58 2.86
N GLU A 275 0.50 -13.91 3.93
CA GLU A 275 -0.15 -12.65 4.25
C GLU A 275 0.47 -11.47 3.53
N TYR A 276 1.80 -11.45 3.51
CA TYR A 276 2.55 -10.36 2.89
C TYR A 276 3.31 -10.73 1.64
N PRO A 277 2.61 -10.72 0.51
CA PRO A 277 3.25 -11.04 -0.75
C PRO A 277 4.09 -9.83 -1.07
N PHE A 278 4.97 -9.95 -2.05
CA PHE A 278 5.78 -8.83 -2.46
C PHE A 278 5.47 -8.57 -3.91
N ASP A 279 5.73 -7.37 -4.38
CA ASP A 279 5.44 -7.07 -5.76
C ASP A 279 6.44 -7.66 -6.73
N VAL A 280 7.72 -7.54 -6.40
CA VAL A 280 8.75 -8.12 -7.24
C VAL A 280 9.73 -8.80 -6.33
N THR A 281 10.12 -10.02 -6.69
CA THR A 281 11.10 -10.76 -5.90
C THR A 281 12.29 -11.00 -6.83
N ILE A 282 13.47 -10.59 -6.39
CA ILE A 282 14.64 -10.80 -7.22
C ILE A 282 15.59 -11.72 -6.50
N LEU A 283 16.18 -12.64 -7.26
CA LEU A 283 17.12 -13.63 -6.74
C LEU A 283 18.55 -13.39 -7.23
N LEU A 284 19.48 -13.26 -6.29
CA LEU A 284 20.86 -13.02 -6.65
C LEU A 284 21.74 -14.23 -6.54
N LYS A 285 22.37 -14.59 -7.66
CA LYS A 285 23.29 -15.73 -7.69
C LYS A 285 24.69 -15.20 -7.94
N ASN A 286 25.67 -15.83 -7.28
CA ASN A 286 27.06 -15.43 -7.40
C ASN A 286 27.90 -16.70 -7.51
N ASN A 287 29.14 -16.54 -7.94
CA ASN A 287 30.06 -17.66 -8.09
C ASN A 287 31.47 -17.21 -8.48
N THR A 288 31.94 -16.13 -7.84
CA THR A 288 33.27 -15.59 -8.10
C THR A 288 33.69 -14.63 -6.99
N GLU A 289 34.75 -14.99 -6.25
CA GLU A 289 35.24 -14.16 -5.14
C GLU A 289 36.38 -13.22 -5.54
N GLN A 301 30.98 -23.24 -2.47
CA GLN A 301 32.24 -23.63 -1.83
C GLN A 301 31.98 -24.08 -0.40
N LYS A 302 30.77 -23.83 0.08
CA LYS A 302 30.41 -24.22 1.44
C LYS A 302 29.04 -24.88 1.37
N GLN A 303 28.16 -24.47 2.29
CA GLN A 303 26.81 -24.99 2.37
C GLN A 303 25.86 -23.99 1.75
N ARG A 304 26.42 -22.89 1.28
CA ARG A 304 25.65 -21.82 0.66
C ARG A 304 24.80 -22.31 -0.51
N GLN A 305 25.44 -22.98 -1.46
CA GLN A 305 24.74 -23.48 -2.63
C GLN A 305 23.48 -24.20 -2.22
N GLN A 306 23.48 -24.71 -1.00
CA GLN A 306 22.35 -25.45 -0.42
C GLN A 306 21.20 -24.51 -0.05
N PHE A 307 21.55 -23.33 0.45
CA PHE A 307 20.57 -22.32 0.84
C PHE A 307 19.84 -21.86 -0.41
N GLN A 308 20.62 -21.45 -1.42
CA GLN A 308 20.04 -20.99 -2.69
C GLN A 308 19.12 -22.08 -3.23
N GLN A 309 19.58 -23.34 -3.14
CA GLN A 309 18.79 -24.50 -3.57
C GLN A 309 17.50 -24.45 -2.80
N LEU A 310 17.64 -24.31 -1.50
CA LEU A 310 16.49 -24.24 -0.63
C LEU A 310 15.60 -23.05 -0.94
N LEU A 311 16.19 -21.91 -1.31
CA LEU A 311 15.37 -20.74 -1.61
C LEU A 311 14.49 -20.96 -2.82
N LYS A 312 15.06 -21.54 -3.88
CA LYS A 312 14.29 -21.81 -5.09
C LYS A 312 13.14 -22.80 -4.83
N LYS A 313 13.43 -23.84 -4.06
CA LYS A 313 12.45 -24.87 -3.70
C LYS A 313 11.25 -24.19 -3.00
N LEU A 314 11.55 -23.38 -1.99
CA LEU A 314 10.52 -22.66 -1.25
C LEU A 314 9.87 -21.60 -2.14
N LEU A 315 10.69 -20.93 -2.94
CA LEU A 315 10.16 -19.93 -3.84
C LEU A 315 9.22 -20.62 -4.82
N ASP A 316 9.71 -21.68 -5.45
CA ASP A 316 8.91 -22.41 -6.41
C ASP A 316 7.56 -22.77 -5.79
N LYS A 317 7.55 -23.34 -4.60
CA LYS A 317 6.26 -23.62 -3.95
C LYS A 317 5.73 -22.23 -3.65
N TYR A 318 4.55 -22.13 -3.07
CA TYR A 318 4.01 -20.80 -2.79
C TYR A 318 3.72 -20.06 -4.09
N LYS A 319 4.21 -20.60 -5.21
CA LYS A 319 3.99 -19.98 -6.51
C LYS A 319 4.50 -18.55 -6.50
N VAL A 320 5.76 -18.39 -6.12
CA VAL A 320 6.35 -17.07 -6.05
C VAL A 320 7.08 -16.67 -7.32
N PRO A 321 6.42 -15.82 -8.13
CA PRO A 321 7.01 -15.36 -9.39
C PRO A 321 8.34 -14.67 -9.08
N TYR A 322 9.44 -15.14 -9.64
CA TYR A 322 10.70 -14.49 -9.33
C TYR A 322 11.65 -14.41 -10.51
N ILE A 323 12.56 -13.43 -10.47
CA ILE A 323 13.50 -13.26 -11.56
C ILE A 323 14.93 -13.34 -11.04
N GLU A 324 15.56 -14.47 -11.34
CA GLU A 324 16.92 -14.79 -10.92
C GLU A 324 18.05 -14.08 -11.68
N ILE A 325 18.92 -13.41 -10.93
CA ILE A 325 20.04 -12.71 -11.54
C ILE A 325 21.35 -13.39 -11.23
N GLU A 326 22.16 -13.58 -12.27
CA GLU A 326 23.48 -14.19 -12.15
C GLU A 326 24.48 -13.11 -12.56
N SER A 327 25.56 -12.97 -11.80
CA SER A 327 26.53 -11.96 -12.16
C SER A 327 27.94 -12.21 -11.60
N PRO A 328 28.98 -11.83 -12.37
CA PRO A 328 30.41 -11.97 -12.04
C PRO A 328 31.07 -10.98 -11.08
N SER A 329 30.56 -9.75 -11.01
CA SER A 329 31.15 -8.76 -10.11
C SER A 329 30.09 -7.78 -9.63
N TYR A 330 30.33 -7.19 -8.46
CA TYR A 330 29.39 -6.25 -7.87
C TYR A 330 28.85 -5.22 -8.88
N LEU A 331 29.68 -4.25 -9.25
CA LEU A 331 29.32 -3.21 -10.22
C LEU A 331 28.33 -3.77 -11.26
N ASP A 332 28.58 -4.98 -11.74
CA ASP A 332 27.69 -5.57 -12.72
C ASP A 332 26.30 -5.78 -12.15
N ARG A 333 26.22 -6.66 -11.15
CA ARG A 333 24.97 -6.99 -10.49
C ARG A 333 24.16 -5.73 -10.29
N TYR A 334 24.80 -4.69 -9.76
CA TYR A 334 24.16 -3.41 -9.53
C TYR A 334 23.39 -2.95 -10.77
N ASN A 335 24.07 -2.97 -11.92
CA ASN A 335 23.47 -2.52 -13.20
C ASN A 335 22.29 -3.39 -13.63
N GLN A 336 22.47 -4.70 -13.51
CA GLN A 336 21.45 -5.64 -13.89
C GLN A 336 20.16 -5.35 -13.14
N VAL A 337 20.29 -5.24 -11.81
CA VAL A 337 19.17 -4.95 -10.93
C VAL A 337 18.56 -3.60 -11.31
N LYS A 338 19.38 -2.55 -11.18
CA LYS A 338 18.98 -1.18 -11.51
C LYS A 338 18.14 -1.16 -12.77
N ALA A 339 18.49 -2.04 -13.70
CA ALA A 339 17.80 -2.19 -14.98
C ALA A 339 16.32 -2.57 -14.82
N VAL A 340 16.09 -3.69 -14.14
CA VAL A 340 14.75 -4.21 -13.87
C VAL A 340 13.90 -3.15 -13.16
N ILE A 341 14.48 -2.58 -12.12
CA ILE A 341 13.79 -1.59 -11.34
C ILE A 341 13.26 -0.52 -12.27
N GLU A 342 14.16 0.00 -13.11
CA GLU A 342 13.82 1.05 -14.06
C GLU A 342 12.58 0.70 -14.90
N LYS A 343 12.41 -0.59 -15.12
CA LYS A 343 11.27 -1.06 -15.87
C LYS A 343 10.05 -1.05 -14.95
N VAL A 344 10.25 -1.23 -13.65
CA VAL A 344 9.09 -1.20 -12.74
C VAL A 344 8.56 0.21 -12.63
N LEU A 345 9.48 1.17 -12.48
CA LEU A 345 9.09 2.57 -12.36
C LEU A 345 8.36 3.09 -13.60
N ASN A 346 8.26 2.26 -14.62
CA ASN A 346 7.61 2.65 -15.85
C ASN A 346 6.95 1.44 -16.48
N GLU A 347 7.71 0.77 -17.33
CA GLU A 347 7.29 -0.43 -18.06
C GLU A 347 6.66 -1.42 -17.07
N GLU A 348 6.65 -2.70 -17.40
CA GLU A 348 6.05 -3.69 -16.49
C GLU A 348 6.25 -5.12 -16.95
N GLU A 349 5.23 -5.95 -16.74
CA GLU A 349 5.26 -7.36 -17.11
C GLU A 349 6.68 -7.89 -17.21
N ILE A 350 7.16 -8.50 -16.14
CA ILE A 350 8.51 -9.01 -16.12
C ILE A 350 8.56 -10.55 -16.10
N SER A 351 8.37 -11.11 -14.92
CA SER A 351 8.40 -12.56 -14.71
C SER A 351 9.58 -13.17 -15.48
N GLU A 352 10.68 -13.39 -14.76
CA GLU A 352 11.90 -13.94 -15.33
C GLU A 352 12.49 -12.90 -16.31
N LEU A 353 11.93 -11.70 -16.26
CA LEU A 353 12.34 -10.55 -17.06
C LEU A 353 12.52 -10.72 -18.56
N GLN A 354 12.79 -9.60 -19.23
CA GLN A 354 13.04 -9.57 -20.67
C GLN A 354 14.50 -9.99 -20.85
N ASN A 355 15.13 -10.33 -19.73
CA ASN A 355 16.53 -10.77 -19.67
C ASN A 355 17.46 -9.92 -20.54
S SO4 B . -13.22 9.74 -9.98
O1 SO4 B . -13.37 8.28 -10.03
O2 SO4 B . -12.44 10.20 -11.13
O3 SO4 B . -14.53 10.40 -10.04
O4 SO4 B . -12.48 10.15 -8.72
S SO4 C . 7.19 11.57 3.64
O1 SO4 C . 6.13 12.34 4.32
O2 SO4 C . 7.01 10.14 3.91
O3 SO4 C . 7.11 11.75 2.19
O4 SO4 C . 8.53 11.97 4.16
S SO4 D . 5.41 8.32 10.64
O1 SO4 D . 6.13 9.52 10.18
O2 SO4 D . 4.38 7.96 9.66
O3 SO4 D . 6.33 7.18 10.80
O4 SO4 D . 4.72 8.64 11.94
S SO4 E . 7.88 1.71 13.81
O1 SO4 E . 7.43 1.72 15.22
O2 SO4 E . 7.59 3.01 13.21
O3 SO4 E . 9.32 1.48 13.72
O4 SO4 E . 7.14 0.66 13.03
S SO4 F . 18.27 4.03 6.63
O1 SO4 F . 16.98 3.51 7.07
O2 SO4 F . 18.12 5.45 6.31
O3 SO4 F . 19.26 3.91 7.68
O4 SO4 F . 18.69 3.29 5.38
PA NAD G . -15.25 11.18 -5.45
O1A NAD G . -14.42 10.41 -4.50
O2A NAD G . -14.70 11.16 -6.84
O5B NAD G . -15.29 12.74 -5.04
C5B NAD G . -15.30 13.23 -3.67
C4B NAD G . -15.32 14.75 -3.81
O4B NAD G . -14.01 15.33 -4.13
C3B NAD G . -16.26 15.29 -4.88
O3B NAD G . -17.24 16.19 -4.28
C2B NAD G . -15.28 15.90 -5.90
O2B NAD G . -15.84 17.00 -6.61
C1B NAD G . -14.08 16.34 -5.06
N9A NAD G . -12.84 16.27 -5.81
C8A NAD G . -12.35 15.15 -6.42
N7A NAD G . -11.17 15.34 -7.03
C5A NAD G . -10.91 16.68 -6.78
C6A NAD G . -9.81 17.52 -7.14
N6A NAD G . -8.75 17.08 -7.84
N1A NAD G . -9.84 18.84 -6.72
C2A NAD G . -10.94 19.27 -5.99
N3A NAD G . -12.00 18.55 -5.61
C4A NAD G . -11.93 17.27 -6.02
O3 NAD G . -16.74 10.58 -5.38
PN NAD G . -18.16 11.37 -5.53
O1N NAD G . -18.58 11.64 -6.93
O2N NAD G . -18.10 12.63 -4.72
O5D NAD G . -19.11 10.24 -4.93
C5D NAD G . -20.33 10.63 -4.20
C4D NAD G . -20.98 9.34 -3.78
O4D NAD G . -22.41 9.57 -3.67
C3D NAD G . -20.83 8.17 -4.77
O3D NAD G . -20.78 6.92 -4.04
C2D NAD G . -22.10 8.27 -5.58
O2D NAD G . -22.42 7.05 -6.31
C1D NAD G . -23.11 8.63 -4.51
N1N NAD G . -24.33 9.22 -5.10
C2N NAD G . -25.28 8.38 -5.73
C3N NAD G . -26.51 8.91 -6.32
C7N NAD G . -27.44 7.94 -6.96
O7N NAD G . -28.45 8.48 -7.44
N7N NAD G . -27.23 6.58 -7.05
C4N NAD G . -26.75 10.37 -6.24
C5N NAD G . -25.69 11.20 -5.55
C6N NAD G . -24.61 10.63 -5.04
PA NAD H . 15.80 0.57 16.13
O1A NAD H . 15.66 -0.82 15.62
O2A NAD H . 15.18 0.78 17.47
O5B NAD H . 15.03 1.59 15.19
C5B NAD H . 13.59 1.73 15.13
C4B NAD H . 13.54 3.07 14.47
O4B NAD H . 13.79 2.93 13.04
C3B NAD H . 12.19 3.77 14.59
O3B NAD H . 12.37 5.14 15.03
C2B NAD H . 11.62 3.61 13.21
O2B NAD H . 10.80 4.72 12.87
C1B NAD H . 12.84 3.52 12.28
N9A NAD H . 12.60 2.65 11.18
C8A NAD H . 11.92 1.48 11.21
N7A NAD H . 11.85 0.88 10.03
C5A NAD H . 12.53 1.73 9.22
C6A NAD H . 12.82 1.68 7.83
N6A NAD H . 12.44 0.70 7.00
N1A NAD H . 13.54 2.71 7.30
C2A NAD H . 13.95 3.73 8.14
N3A NAD H . 13.71 3.84 9.42
C4A NAD H . 13.01 2.82 9.91
O3 NAD H . 17.33 1.02 16.11
PN NAD H . 17.79 2.52 16.39
O1N NAD H . 19.00 2.73 17.22
O2N NAD H . 16.58 3.23 16.92
O5D NAD H . 18.18 2.90 14.89
C5D NAD H . 18.00 4.29 14.43
C4D NAD H . 18.44 4.41 12.98
O4D NAD H . 18.47 3.13 12.32
C3D NAD H . 17.53 5.31 12.13
O3D NAD H . 18.30 6.09 11.17
C2D NAD H . 16.71 4.33 11.40
O2D NAD H . 16.23 4.93 10.18
C1D NAD H . 17.67 3.21 11.15
N1N NAD H . 16.94 1.97 10.91
C2N NAD H . 16.73 1.57 9.58
C3N NAD H . 15.99 0.37 9.25
C7N NAD H . 15.82 0.05 7.81
O7N NAD H . 15.17 -1.00 7.61
N7N NAD H . 16.33 0.82 6.78
C4N NAD H . 15.46 -0.45 10.35
C5N NAD H . 15.72 0.05 11.75
C6N NAD H . 16.40 1.17 11.95
#